data_3UF1
#
_entry.id   3UF1
#
_cell.length_a   61.017
_cell.length_b   86.810
_cell.length_c   114.927
_cell.angle_alpha   90.00
_cell.angle_beta   90.00
_cell.angle_gamma   90.00
#
_symmetry.space_group_name_H-M   'P 21 21 21'
#
_entity_poly.entity_id   1
_entity_poly.type   'polypeptide(L)'
_entity_poly.pdbx_seq_one_letter_code
;(MSE)GHHHHHHSH(MSE)SRLGDLYEEE(MSE)RELRRQVDQLTNDKARVEVERDNLAEDI(MSE)RLREKLQEE
(MSE)LQREEAENTLQSFRQDVDNASLARLDLERKVESLQEEIAFLKKLHEEEIQELQAQIQE
;
_entity_poly.pdbx_strand_id   A,B,C,D
#
# COMPACT_ATOMS: atom_id res chain seq x y z
N LEU A 14 -20.55 25.49 -64.35
CA LEU A 14 -21.06 24.44 -65.24
C LEU A 14 -21.02 23.05 -64.58
N GLY A 15 -21.07 22.02 -65.42
CA GLY A 15 -20.64 20.68 -65.05
C GLY A 15 -19.32 20.69 -64.29
N ASP A 16 -18.60 21.81 -64.40
CA ASP A 16 -17.29 21.98 -63.76
C ASP A 16 -17.37 22.06 -62.24
N LEU A 17 -18.42 22.71 -61.73
CA LEU A 17 -18.61 22.84 -60.29
C LEU A 17 -18.76 21.49 -59.61
N TYR A 18 -19.50 20.59 -60.27
CA TYR A 18 -19.68 19.22 -59.80
C TYR A 18 -18.34 18.46 -59.78
N GLU A 19 -17.56 18.57 -60.85
CA GLU A 19 -16.25 17.95 -60.90
C GLU A 19 -15.32 18.52 -59.82
N GLU A 20 -15.39 19.84 -59.60
CA GLU A 20 -14.58 20.48 -58.57
C GLU A 20 -15.05 20.17 -57.15
N GLU A 21 -16.35 20.10 -56.94
CA GLU A 21 -16.86 19.76 -55.63
C GLU A 21 -16.61 18.29 -55.36
N ARG A 23 -13.91 16.64 -56.90
CA ARG A 23 -12.45 16.54 -56.75
C ARG A 23 -12.15 16.77 -55.27
N GLU A 24 -12.72 17.83 -54.72
CA GLU A 24 -12.57 18.16 -53.31
C GLU A 24 -12.92 16.97 -52.40
N LEU A 25 -14.14 16.44 -52.53
CA LEU A 25 -14.58 15.33 -51.66
C LEU A 25 -13.73 14.06 -51.77
N ARG A 26 -13.43 13.63 -53.01
CA ARG A 26 -12.67 12.39 -53.16
C ARG A 26 -11.34 12.53 -52.47
N ARG A 27 -10.86 13.78 -52.36
CA ARG A 27 -9.59 14.09 -51.74
C ARG A 27 -9.66 13.94 -50.22
N GLN A 28 -10.71 14.49 -49.61
CA GLN A 28 -10.93 14.38 -48.17
C GLN A 28 -11.05 12.91 -47.77
N VAL A 29 -11.92 12.19 -48.48
CA VAL A 29 -12.15 10.78 -48.20
C VAL A 29 -10.84 9.99 -48.23
N ASP A 30 -9.91 10.41 -49.09
CA ASP A 30 -8.64 9.70 -49.16
C ASP A 30 -7.70 10.08 -48.02
N GLN A 31 -7.67 11.36 -47.66
CA GLN A 31 -6.95 11.81 -46.47
C GLN A 31 -7.41 11.04 -45.21
N LEU A 32 -8.67 11.27 -44.85
CA LEU A 32 -9.31 10.56 -43.75
C LEU A 32 -9.11 9.05 -43.78
N THR A 33 -8.98 8.47 -44.97
CA THR A 33 -8.95 7.00 -45.06
C THR A 33 -7.56 6.49 -44.65
N ASN A 34 -6.54 7.26 -45.01
CA ASN A 34 -5.17 6.94 -44.66
C ASN A 34 -4.88 7.29 -43.20
N ASP A 35 -5.65 8.24 -42.66
CA ASP A 35 -5.48 8.67 -41.29
C ASP A 35 -6.15 7.67 -40.36
N LYS A 36 -7.42 7.36 -40.62
CA LYS A 36 -8.08 6.30 -39.85
C LYS A 36 -7.21 5.01 -39.89
N ALA A 37 -6.53 4.76 -41.00
CA ALA A 37 -5.63 3.62 -41.11
C ALA A 37 -4.44 3.78 -40.15
N ARG A 38 -3.75 4.90 -40.29
CA ARG A 38 -2.61 5.25 -39.43
C ARG A 38 -2.92 5.15 -37.93
N VAL A 39 -4.05 5.71 -37.50
CA VAL A 39 -4.44 5.71 -36.09
C VAL A 39 -4.86 4.31 -35.62
N GLU A 40 -5.50 3.53 -36.48
CA GLU A 40 -5.82 2.16 -36.14
C GLU A 40 -4.54 1.37 -35.81
N VAL A 41 -3.47 1.61 -36.58
CA VAL A 41 -2.22 0.91 -36.34
C VAL A 41 -1.62 1.30 -34.98
N GLU A 42 -1.58 2.59 -34.68
CA GLU A 42 -1.16 3.09 -33.37
C GLU A 42 -1.91 2.46 -32.21
N ARG A 43 -3.23 2.32 -32.34
CA ARG A 43 -4.05 1.77 -31.28
C ARG A 43 -3.72 0.29 -31.12
N ASP A 44 -3.64 -0.40 -32.26
CA ASP A 44 -3.36 -1.83 -32.27
C ASP A 44 -2.05 -2.06 -31.54
N ASN A 45 -1.11 -1.14 -31.75
CA ASN A 45 0.18 -1.20 -31.07
C ASN A 45 0.08 -0.97 -29.55
N LEU A 46 -0.50 0.14 -29.14
CA LEU A 46 -0.59 0.39 -27.70
C LEU A 46 -1.40 -0.69 -27.02
N ALA A 47 -2.37 -1.28 -27.71
CA ALA A 47 -3.13 -2.38 -27.11
C ALA A 47 -2.25 -3.59 -26.76
N GLU A 48 -1.18 -3.82 -27.51
CA GLU A 48 -0.27 -4.91 -27.22
C GLU A 48 0.55 -4.57 -25.97
N ASP A 49 1.24 -3.43 -26.04
CA ASP A 49 1.95 -2.91 -24.88
C ASP A 49 1.14 -3.00 -23.58
N ILE A 50 -0.11 -2.58 -23.63
CA ILE A 50 -0.97 -2.57 -22.45
C ILE A 50 -1.19 -4.01 -21.93
N ARG A 52 1.03 -6.72 -22.44
CA ARG A 52 2.31 -7.12 -21.90
C ARG A 52 2.52 -6.53 -20.51
N LEU A 53 2.08 -5.29 -20.35
CA LEU A 53 2.29 -4.58 -19.11
C LEU A 53 1.38 -5.10 -18.03
N ARG A 54 0.09 -5.16 -18.29
CA ARG A 54 -0.81 -5.57 -17.24
C ARG A 54 -0.37 -6.94 -16.67
N GLU A 55 0.21 -7.77 -17.51
CA GLU A 55 0.69 -9.07 -17.06
C GLU A 55 1.93 -8.96 -16.16
N LYS A 56 3.00 -8.37 -16.70
CA LYS A 56 4.17 -8.01 -15.92
C LYS A 56 3.84 -7.34 -14.57
N LEU A 57 2.65 -6.75 -14.43
CA LEU A 57 2.27 -6.04 -13.21
C LEU A 57 1.42 -6.91 -12.28
N GLN A 58 0.50 -7.66 -12.88
CA GLN A 58 -0.25 -8.67 -12.15
C GLN A 58 0.80 -9.61 -11.48
N GLU A 59 1.86 -9.91 -12.24
CA GLU A 59 3.05 -10.62 -11.74
C GLU A 59 3.65 -9.96 -10.50
N GLU A 60 4.22 -8.78 -10.67
CA GLU A 60 4.86 -8.04 -9.57
C GLU A 60 3.98 -7.92 -8.33
N LEU A 62 1.85 -10.03 -7.19
CA LEU A 62 1.87 -11.30 -6.49
C LEU A 62 3.20 -11.50 -5.76
N GLN A 63 4.31 -11.16 -6.42
CA GLN A 63 5.59 -11.19 -5.74
C GLN A 63 5.57 -10.19 -4.57
N ARG A 64 5.28 -8.91 -4.81
CA ARG A 64 5.33 -7.92 -3.73
C ARG A 64 4.51 -8.38 -2.54
N GLU A 65 3.35 -8.94 -2.83
CA GLU A 65 2.38 -9.30 -1.80
C GLU A 65 2.92 -10.48 -0.98
N GLU A 66 3.34 -11.54 -1.67
CA GLU A 66 3.90 -12.71 -1.02
C GLU A 66 5.06 -12.29 -0.13
N ALA A 67 6.02 -11.58 -0.72
CA ALA A 67 7.10 -10.96 0.02
C ALA A 67 6.67 -10.25 1.30
N GLU A 68 5.59 -9.47 1.27
CA GLU A 68 5.20 -8.74 2.47
C GLU A 68 4.56 -9.64 3.51
N ASN A 69 3.96 -10.73 3.05
CA ASN A 69 3.26 -11.67 3.90
C ASN A 69 4.22 -12.48 4.76
N THR A 70 5.23 -13.03 4.09
CA THR A 70 6.34 -13.73 4.71
C THR A 70 6.95 -12.86 5.80
N LEU A 71 7.33 -11.65 5.42
CA LEU A 71 7.84 -10.65 6.33
C LEU A 71 6.88 -10.31 7.48
N GLN A 72 5.66 -10.80 7.42
CA GLN A 72 4.68 -10.42 8.42
C GLN A 72 4.75 -11.37 9.61
N SER A 73 4.89 -12.66 9.33
CA SER A 73 4.92 -13.66 10.38
C SER A 73 6.37 -13.88 10.76
N PHE A 74 7.28 -13.34 9.97
CA PHE A 74 8.67 -13.48 10.33
C PHE A 74 9.06 -12.48 11.40
N ARG A 75 8.34 -11.35 11.46
CA ARG A 75 8.67 -10.39 12.51
C ARG A 75 8.46 -11.07 13.88
N GLN A 76 7.48 -11.96 13.94
CA GLN A 76 7.18 -12.73 15.14
C GLN A 76 8.41 -13.55 15.54
N ASP A 77 8.93 -14.31 14.58
CA ASP A 77 10.10 -15.15 14.79
C ASP A 77 11.31 -14.37 15.29
N VAL A 78 11.59 -13.24 14.67
CA VAL A 78 12.67 -12.38 15.13
C VAL A 78 12.43 -11.92 16.56
N ASP A 79 11.21 -11.48 16.89
CA ASP A 79 10.92 -11.08 18.28
C ASP A 79 11.19 -12.22 19.29
N ASN A 80 10.65 -13.39 18.97
CA ASN A 80 10.80 -14.57 19.78
C ASN A 80 12.24 -15.03 19.95
N ALA A 81 13.03 -14.95 18.89
CA ALA A 81 14.46 -15.29 19.00
C ALA A 81 15.18 -14.27 19.88
N SER A 82 14.84 -13.01 19.72
CA SER A 82 15.45 -11.96 20.52
C SER A 82 15.18 -12.18 22.02
N LEU A 83 13.97 -12.62 22.35
CA LEU A 83 13.55 -12.71 23.74
C LEU A 83 14.19 -13.97 24.35
N ALA A 84 14.22 -15.05 23.57
CA ALA A 84 14.86 -16.28 24.00
C ALA A 84 16.31 -16.01 24.37
N ARG A 85 16.96 -15.13 23.63
CA ARG A 85 18.33 -14.76 23.93
C ARG A 85 18.43 -13.81 25.13
N LEU A 86 17.42 -12.99 25.37
CA LEU A 86 17.39 -12.17 26.57
C LEU A 86 17.08 -13.00 27.80
N ASP A 87 16.16 -13.95 27.67
CA ASP A 87 15.73 -14.79 28.78
C ASP A 87 16.92 -15.56 29.34
N LEU A 88 17.93 -15.77 28.47
CA LEU A 88 19.19 -16.45 28.84
C LEU A 88 20.21 -15.45 29.40
N GLU A 89 20.33 -14.29 28.75
CA GLU A 89 21.23 -13.27 29.24
C GLU A 89 20.87 -12.89 30.67
N ARG A 90 19.65 -13.22 31.07
CA ARG A 90 19.18 -12.94 32.42
C ARG A 90 19.39 -14.17 33.32
N LYS A 91 19.03 -15.35 32.83
CA LYS A 91 19.29 -16.58 33.55
C LYS A 91 20.78 -16.61 33.97
N VAL A 92 21.67 -16.29 33.04
CA VAL A 92 23.11 -16.17 33.30
C VAL A 92 23.41 -15.08 34.36
N GLU A 93 22.97 -13.84 34.13
CA GLU A 93 23.22 -12.78 35.12
C GLU A 93 22.76 -13.22 36.50
N SER A 94 21.76 -14.09 36.54
CA SER A 94 21.15 -14.48 37.80
C SER A 94 22.05 -15.47 38.53
N LEU A 95 22.56 -16.44 37.78
CA LEU A 95 23.54 -17.38 38.28
C LEU A 95 24.75 -16.63 38.85
N GLN A 96 25.16 -15.57 38.17
CA GLN A 96 26.31 -14.80 38.60
C GLN A 96 26.13 -14.08 39.93
N GLU A 97 24.90 -13.64 40.21
CA GLU A 97 24.61 -12.90 41.43
C GLU A 97 24.54 -13.87 42.60
N GLU A 98 24.36 -15.14 42.27
CA GLU A 98 24.14 -16.21 43.22
C GLU A 98 25.51 -16.72 43.67
N ILE A 99 26.36 -16.93 42.68
CA ILE A 99 27.77 -17.22 42.88
C ILE A 99 28.47 -16.07 43.60
N ALA A 100 28.14 -14.84 43.25
CA ALA A 100 28.75 -13.69 43.93
C ALA A 100 28.32 -13.64 45.38
N PHE A 101 27.14 -14.19 45.66
CA PHE A 101 26.62 -14.25 47.03
C PHE A 101 27.19 -15.45 47.80
N LEU A 102 27.17 -16.62 47.17
CA LEU A 102 27.77 -17.81 47.76
C LEU A 102 29.11 -17.46 48.38
N LYS A 103 29.95 -16.81 47.57
CA LYS A 103 31.30 -16.48 48.01
C LYS A 103 31.30 -15.54 49.21
N LYS A 104 30.43 -14.54 49.20
CA LYS A 104 30.32 -13.63 50.33
C LYS A 104 29.95 -14.42 51.57
N LEU A 105 29.22 -15.52 51.34
CA LEU A 105 28.65 -16.35 52.40
C LEU A 105 29.63 -17.44 52.82
N HIS A 106 30.11 -18.20 51.84
CA HIS A 106 31.15 -19.18 52.10
C HIS A 106 32.25 -18.52 52.90
N GLU A 107 32.89 -17.52 52.31
CA GLU A 107 33.95 -16.77 52.97
C GLU A 107 33.62 -16.40 54.42
N GLU A 108 32.40 -15.96 54.67
CA GLU A 108 31.92 -15.66 56.02
C GLU A 108 31.78 -16.93 56.87
N GLU A 109 31.00 -17.89 56.36
CA GLU A 109 30.74 -19.16 57.03
C GLU A 109 32.00 -19.88 57.50
N ILE A 110 33.16 -19.34 57.17
CA ILE A 110 34.43 -19.97 57.49
C ILE A 110 35.27 -19.11 58.41
N GLN A 111 35.05 -17.80 58.38
CA GLN A 111 35.65 -16.92 59.36
C GLN A 111 35.02 -17.26 60.72
N GLU A 112 33.78 -17.76 60.65
CA GLU A 112 33.03 -18.12 61.85
C GLU A 112 33.50 -19.47 62.40
N LEU A 113 34.67 -19.92 61.92
CA LEU A 113 35.35 -21.11 62.42
C LEU A 113 36.86 -20.85 62.62
N GLN A 114 37.24 -19.58 62.79
CA GLN A 114 38.56 -19.21 63.27
C GLN A 114 38.27 -18.69 64.66
N ALA A 115 37.01 -18.27 64.81
CA ALA A 115 36.36 -18.17 66.09
C ALA A 115 35.72 -19.53 66.29
N GLN A 116 35.98 -20.13 67.45
CA GLN A 116 35.64 -21.53 67.68
C GLN A 116 36.71 -22.46 67.09
N ILE A 117 37.96 -21.98 67.00
CA ILE A 117 39.03 -22.80 66.44
C ILE A 117 39.04 -24.16 67.14
N SER B 12 -33.30 17.00 -69.29
CA SER B 12 -31.93 17.42 -69.60
C SER B 12 -31.05 17.45 -68.34
N ARG B 13 -31.30 16.50 -67.43
CA ARG B 13 -30.76 16.57 -66.07
C ARG B 13 -29.47 15.78 -65.80
N LEU B 14 -28.44 16.52 -65.41
CA LEU B 14 -27.11 16.03 -65.04
C LEU B 14 -26.94 16.13 -63.52
N GLY B 15 -27.83 16.87 -62.88
CA GLY B 15 -27.87 16.90 -61.43
C GLY B 15 -27.93 15.47 -60.96
N ASP B 16 -28.73 14.67 -61.64
CA ASP B 16 -28.94 13.26 -61.28
C ASP B 16 -27.69 12.44 -61.60
N LEU B 17 -26.88 12.96 -62.51
CA LEU B 17 -25.64 12.29 -62.90
C LEU B 17 -24.62 12.32 -61.76
N TYR B 18 -24.84 13.21 -60.79
CA TYR B 18 -23.90 13.42 -59.70
C TYR B 18 -24.57 13.38 -58.33
N GLU B 19 -25.84 13.80 -58.28
CA GLU B 19 -26.57 13.86 -57.03
C GLU B 19 -26.30 12.63 -56.17
N GLU B 20 -26.18 11.47 -56.82
CA GLU B 20 -26.08 10.20 -56.11
C GLU B 20 -24.65 9.85 -55.71
N GLU B 21 -23.72 10.01 -56.66
CA GLU B 21 -22.30 9.78 -56.43
C GLU B 21 -21.75 10.76 -55.39
N ARG B 23 -23.62 12.48 -52.82
CA ARG B 23 -24.15 12.22 -51.49
C ARG B 23 -23.46 11.03 -50.81
N GLU B 24 -22.86 10.14 -51.61
CA GLU B 24 -22.19 8.94 -51.09
C GLU B 24 -20.75 9.25 -50.68
N LEU B 25 -20.19 10.34 -51.22
CA LEU B 25 -18.87 10.79 -50.81
C LEU B 25 -19.01 11.61 -49.53
N ARG B 26 -19.90 12.59 -49.56
CA ARG B 26 -20.08 13.49 -48.42
C ARG B 26 -20.54 12.68 -47.21
N ARG B 27 -20.91 11.43 -47.45
CA ARG B 27 -21.34 10.55 -46.39
C ARG B 27 -20.13 9.80 -45.78
N GLN B 28 -19.33 9.18 -46.63
CA GLN B 28 -18.00 8.69 -46.25
C GLN B 28 -17.18 9.67 -45.38
N VAL B 29 -17.06 10.91 -45.84
CA VAL B 29 -16.36 11.97 -45.12
C VAL B 29 -16.87 12.08 -43.71
N ASP B 30 -18.19 12.04 -43.53
CA ASP B 30 -18.74 12.11 -42.18
C ASP B 30 -18.48 10.86 -41.33
N GLN B 31 -18.63 9.67 -41.92
CA GLN B 31 -18.38 8.38 -41.30
C GLN B 31 -16.92 8.25 -40.85
N LEU B 32 -16.02 8.34 -41.83
CA LEU B 32 -14.59 8.36 -41.60
C LEU B 32 -14.25 9.30 -40.45
N THR B 33 -14.79 10.51 -40.49
CA THR B 33 -14.47 11.51 -39.48
C THR B 33 -14.83 10.97 -38.09
N ASN B 34 -16.02 10.39 -37.98
CA ASN B 34 -16.49 9.82 -36.73
C ASN B 34 -15.67 8.59 -36.36
N ASP B 35 -15.50 7.71 -37.34
CA ASP B 35 -14.77 6.47 -37.15
C ASP B 35 -13.39 6.77 -36.55
N LYS B 36 -12.67 7.67 -37.21
CA LYS B 36 -11.34 8.08 -36.79
C LYS B 36 -11.32 8.78 -35.41
N ALA B 37 -12.30 9.62 -35.15
CA ALA B 37 -12.34 10.36 -33.90
C ALA B 37 -12.42 9.40 -32.72
N ARG B 38 -13.05 8.26 -32.94
CA ARG B 38 -13.26 7.26 -31.92
C ARG B 38 -12.00 6.39 -31.67
N VAL B 39 -11.31 6.06 -32.75
CA VAL B 39 -10.03 5.36 -32.68
C VAL B 39 -9.02 6.25 -31.94
N GLU B 40 -9.11 7.56 -32.12
CA GLU B 40 -8.22 8.48 -31.40
C GLU B 40 -8.47 8.53 -29.89
N VAL B 41 -9.72 8.41 -29.46
CA VAL B 41 -9.96 8.39 -28.04
C VAL B 41 -9.33 7.13 -27.42
N GLU B 42 -9.58 5.97 -28.04
CA GLU B 42 -9.04 4.72 -27.59
C GLU B 42 -7.52 4.79 -27.56
N ARG B 43 -6.94 5.30 -28.63
CA ARG B 43 -5.51 5.32 -28.69
C ARG B 43 -4.98 6.21 -27.59
N ASP B 44 -5.69 7.28 -27.29
CA ASP B 44 -5.25 8.22 -26.27
C ASP B 44 -5.33 7.56 -24.90
N ASN B 45 -6.52 7.05 -24.59
CA ASN B 45 -6.75 6.25 -23.39
C ASN B 45 -5.63 5.24 -23.16
N LEU B 46 -5.32 4.44 -24.16
CA LEU B 46 -4.20 3.52 -24.10
C LEU B 46 -2.89 4.19 -23.65
N ALA B 47 -2.37 5.11 -24.44
CA ALA B 47 -1.20 5.90 -24.03
C ALA B 47 -1.33 6.28 -22.54
N GLU B 48 -2.47 6.86 -22.16
CA GLU B 48 -2.69 7.19 -20.76
C GLU B 48 -2.59 5.98 -19.80
N ASP B 49 -3.34 4.91 -20.07
CA ASP B 49 -3.33 3.72 -19.23
C ASP B 49 -1.93 3.11 -19.10
N ILE B 50 -1.25 2.96 -20.24
CA ILE B 50 0.12 2.48 -20.22
C ILE B 50 0.97 3.28 -19.24
N ARG B 52 0.10 5.14 -16.73
CA ARG B 52 -0.33 4.94 -15.36
C ARG B 52 0.12 3.56 -14.81
N LEU B 53 0.04 2.54 -15.66
CA LEU B 53 0.55 1.21 -15.31
C LEU B 53 2.05 1.24 -15.01
N ARG B 54 2.83 1.87 -15.89
CA ARG B 54 4.27 1.91 -15.65
C ARG B 54 4.59 2.49 -14.28
N GLU B 55 3.93 3.57 -13.91
CA GLU B 55 4.19 4.21 -12.62
C GLU B 55 3.84 3.26 -11.51
N LYS B 56 2.78 2.49 -11.71
CA LYS B 56 2.35 1.48 -10.74
C LYS B 56 3.39 0.37 -10.64
N LEU B 57 3.94 -0.03 -11.78
CA LEU B 57 4.99 -1.05 -11.82
C LEU B 57 6.17 -0.65 -10.93
N GLN B 58 6.76 0.52 -11.18
CA GLN B 58 7.87 0.98 -10.35
C GLN B 58 7.53 0.88 -8.87
N GLU B 59 6.31 1.30 -8.51
CA GLU B 59 5.90 1.32 -7.11
C GLU B 59 5.81 -0.07 -6.46
N GLU B 60 5.41 -1.08 -7.23
CA GLU B 60 5.38 -2.45 -6.72
C GLU B 60 6.79 -3.04 -6.59
N LEU B 62 9.59 -1.38 -6.16
CA LEU B 62 10.05 -0.69 -4.96
C LEU B 62 9.60 -1.37 -3.65
N GLN B 63 8.29 -1.41 -3.44
CA GLN B 63 7.70 -2.01 -2.26
C GLN B 63 8.25 -3.43 -2.00
N ARG B 64 8.41 -4.17 -3.07
CA ARG B 64 8.76 -5.57 -2.97
C ARG B 64 10.22 -5.72 -2.61
N GLU B 65 11.09 -4.95 -3.27
CA GLU B 65 12.50 -4.94 -2.96
C GLU B 65 12.71 -4.47 -1.52
N GLU B 66 11.86 -3.59 -1.02
CA GLU B 66 11.97 -3.15 0.37
C GLU B 66 11.59 -4.28 1.32
N ALA B 67 10.64 -5.12 0.92
CA ALA B 67 10.20 -6.22 1.78
C ALA B 67 11.22 -7.35 1.80
N GLU B 68 11.96 -7.50 0.70
CA GLU B 68 12.92 -8.55 0.59
C GLU B 68 14.20 -8.16 1.32
N ASN B 69 14.60 -6.90 1.18
CA ASN B 69 15.74 -6.34 1.91
C ASN B 69 15.51 -6.42 3.41
N THR B 70 14.34 -5.99 3.84
CA THR B 70 14.00 -6.00 5.25
C THR B 70 13.99 -7.43 5.83
N LEU B 71 13.51 -8.38 5.03
CA LEU B 71 13.38 -9.77 5.48
C LEU B 71 14.75 -10.48 5.48
N GLN B 72 15.67 -10.01 4.66
CA GLN B 72 17.02 -10.57 4.60
C GLN B 72 17.77 -10.11 5.84
N SER B 73 17.58 -8.85 6.21
CA SER B 73 18.12 -8.34 7.47
C SER B 73 17.59 -9.16 8.65
N PHE B 74 16.28 -9.41 8.69
CA PHE B 74 15.72 -10.22 9.77
C PHE B 74 16.23 -11.65 9.79
N ARG B 75 16.58 -12.21 8.65
CA ARG B 75 17.11 -13.55 8.60
C ARG B 75 18.44 -13.60 9.36
N GLN B 76 19.32 -12.66 9.02
CA GLN B 76 20.57 -12.42 9.71
C GLN B 76 20.35 -12.31 11.21
N ASP B 77 19.48 -11.39 11.62
CA ASP B 77 19.10 -11.25 13.03
C ASP B 77 18.82 -12.61 13.71
N VAL B 78 17.84 -13.36 13.19
CA VAL B 78 17.52 -14.67 13.72
C VAL B 78 18.74 -15.63 13.78
N ASP B 79 19.61 -15.59 12.76
CA ASP B 79 20.79 -16.45 12.71
C ASP B 79 21.85 -16.04 13.73
N ASN B 80 21.93 -14.74 14.01
CA ASN B 80 22.80 -14.24 15.07
C ASN B 80 22.30 -14.49 16.51
N ALA B 81 20.99 -14.68 16.65
CA ALA B 81 20.42 -15.00 17.93
C ALA B 81 20.69 -16.46 18.23
N SER B 82 20.59 -17.30 17.20
CA SER B 82 20.81 -18.74 17.39
C SER B 82 22.19 -19.03 17.94
N LEU B 83 23.20 -18.53 17.24
CA LEU B 83 24.57 -18.71 17.66
C LEU B 83 24.80 -18.13 19.05
N ALA B 84 24.07 -17.08 19.40
CA ALA B 84 24.21 -16.48 20.74
C ALA B 84 23.41 -17.21 21.81
N ARG B 85 22.39 -17.94 21.39
CA ARG B 85 21.59 -18.75 22.30
C ARG B 85 22.35 -20.03 22.74
N LEU B 86 22.94 -20.73 21.77
CA LEU B 86 23.74 -21.91 22.04
C LEU B 86 24.87 -21.56 23.00
N ASP B 87 25.55 -20.46 22.72
CA ASP B 87 26.55 -19.92 23.61
C ASP B 87 26.01 -19.80 25.02
N LEU B 88 24.99 -18.97 25.21
CA LEU B 88 24.43 -18.77 26.54
C LEU B 88 23.98 -20.07 27.23
N GLU B 89 23.49 -21.04 26.47
CA GLU B 89 23.01 -22.28 27.04
C GLU B 89 24.16 -23.04 27.65
N ARG B 90 25.32 -22.97 27.01
CA ARG B 90 26.56 -23.53 27.54
C ARG B 90 27.01 -22.81 28.80
N LYS B 91 27.10 -21.49 28.74
CA LYS B 91 27.48 -20.67 29.89
C LYS B 91 26.51 -20.80 31.04
N VAL B 92 25.26 -21.18 30.76
CA VAL B 92 24.34 -21.51 31.86
C VAL B 92 24.69 -22.86 32.50
N GLU B 93 25.06 -23.83 31.67
CA GLU B 93 25.50 -25.13 32.13
C GLU B 93 26.75 -24.96 33.00
N SER B 94 27.76 -24.30 32.44
CA SER B 94 29.02 -24.09 33.14
C SER B 94 28.82 -23.43 34.50
N LEU B 95 27.93 -22.43 34.55
CA LEU B 95 27.68 -21.70 35.79
C LEU B 95 26.95 -22.56 36.82
N GLN B 96 26.10 -23.47 36.34
CA GLN B 96 25.39 -24.37 37.24
C GLN B 96 26.32 -25.40 37.87
N GLU B 97 27.31 -25.83 37.09
CA GLU B 97 28.36 -26.75 37.54
C GLU B 97 29.34 -26.06 38.52
N GLU B 98 29.76 -24.84 38.18
CA GLU B 98 30.65 -24.06 39.02
C GLU B 98 30.03 -23.81 40.39
N ILE B 99 28.71 -23.73 40.43
CA ILE B 99 28.01 -23.52 41.69
C ILE B 99 28.07 -24.78 42.54
N ALA B 100 27.90 -25.93 41.90
CA ALA B 100 27.81 -27.19 42.61
C ALA B 100 29.20 -27.53 43.16
N PHE B 101 30.21 -27.33 42.32
CA PHE B 101 31.61 -27.50 42.69
C PHE B 101 32.00 -26.56 43.82
N LEU B 102 31.75 -25.28 43.65
CA LEU B 102 31.96 -24.28 44.69
C LEU B 102 31.43 -24.78 46.03
N LYS B 103 30.20 -25.26 46.01
CA LYS B 103 29.56 -25.75 47.21
C LYS B 103 30.32 -26.94 47.81
N LYS B 104 30.56 -27.97 47.00
CA LYS B 104 31.27 -29.18 47.45
C LYS B 104 32.59 -28.84 48.11
N LEU B 105 33.40 -28.03 47.43
CA LEU B 105 34.68 -27.59 47.98
C LEU B 105 34.55 -26.99 49.39
N HIS B 106 33.57 -26.10 49.54
CA HIS B 106 33.29 -25.42 50.80
C HIS B 106 32.83 -26.38 51.91
N GLU B 107 32.01 -27.36 51.55
CA GLU B 107 31.46 -28.28 52.52
C GLU B 107 32.59 -29.10 53.09
N GLU B 108 33.51 -29.48 52.20
CA GLU B 108 34.70 -30.22 52.58
C GLU B 108 35.61 -29.34 53.42
N GLU B 109 35.65 -28.04 53.12
CA GLU B 109 36.52 -27.12 53.85
C GLU B 109 36.01 -26.81 55.27
N ILE B 110 34.69 -26.91 55.47
CA ILE B 110 34.14 -26.74 56.82
C ILE B 110 34.17 -28.06 57.57
N GLN B 111 34.32 -29.15 56.82
CA GLN B 111 34.44 -30.48 57.41
C GLN B 111 35.88 -30.74 57.82
N GLU B 112 36.80 -30.00 57.22
CA GLU B 112 38.20 -30.01 57.60
C GLU B 112 38.36 -29.24 58.90
N LEU B 113 37.40 -28.36 59.19
CA LEU B 113 37.43 -27.56 60.41
C LEU B 113 36.51 -28.15 61.47
N GLN B 114 36.23 -29.44 61.33
CA GLN B 114 35.40 -30.14 62.32
C GLN B 114 36.29 -30.94 63.27
N ALA B 115 37.41 -31.42 62.74
CA ALA B 115 38.40 -32.11 63.58
C ALA B 115 38.90 -31.15 64.65
N GLN B 116 38.86 -29.85 64.34
CA GLN B 116 39.15 -28.82 65.33
C GLN B 116 38.01 -28.72 66.33
N ILE B 117 37.95 -29.67 67.26
CA ILE B 117 36.89 -29.73 68.26
C ILE B 117 37.41 -29.44 69.65
N HIS C 6 15.65 -10.61 66.59
CA HIS C 6 15.91 -9.31 65.96
C HIS C 6 16.77 -9.31 64.68
N HIS C 7 17.85 -10.10 64.64
CA HIS C 7 18.17 -11.13 65.62
C HIS C 7 19.67 -11.13 66.01
N HIS C 8 19.97 -10.59 67.19
CA HIS C 8 21.33 -10.19 67.58
C HIS C 8 22.30 -11.30 67.98
N SER C 9 22.89 -11.11 69.16
CA SER C 9 24.08 -11.81 69.67
C SER C 9 24.84 -12.59 68.60
N HIS C 10 24.42 -13.84 68.37
CA HIS C 10 24.91 -14.58 67.23
C HIS C 10 23.83 -15.52 66.74
N SER C 12 24.96 -13.21 64.29
CA SER C 12 24.58 -11.96 63.63
C SER C 12 25.23 -11.81 62.26
N ARG C 13 26.56 -11.86 62.22
CA ARG C 13 27.32 -11.72 60.98
C ARG C 13 26.70 -12.50 59.81
N LEU C 14 26.55 -13.81 59.99
CA LEU C 14 25.94 -14.66 58.98
C LEU C 14 24.46 -14.30 58.79
N GLY C 15 23.77 -13.98 59.86
CA GLY C 15 22.37 -13.67 59.69
C GLY C 15 22.14 -12.44 58.82
N ASP C 16 23.05 -11.48 58.92
CA ASP C 16 22.91 -10.18 58.27
C ASP C 16 23.01 -10.27 56.76
N LEU C 17 23.91 -11.12 56.26
CA LEU C 17 24.10 -11.26 54.83
C LEU C 17 22.83 -11.72 54.14
N TYR C 18 22.12 -12.62 54.82
CA TYR C 18 20.84 -13.13 54.33
C TYR C 18 19.79 -12.03 54.30
N GLU C 19 19.71 -11.24 55.36
CA GLU C 19 18.78 -10.12 55.40
C GLU C 19 19.13 -9.07 54.32
N GLU C 20 20.42 -8.84 54.09
CA GLU C 20 20.86 -7.88 53.09
C GLU C 20 20.67 -8.41 51.68
N GLU C 21 20.92 -9.70 51.47
CA GLU C 21 20.72 -10.27 50.15
C GLU C 21 19.25 -10.37 49.88
N ARG C 23 16.98 -8.10 51.39
CA ARG C 23 16.56 -6.71 51.25
C ARG C 23 16.70 -6.36 49.78
N GLU C 24 17.87 -6.70 49.23
CA GLU C 24 18.16 -6.46 47.83
C GLU C 24 17.08 -7.06 46.92
N LEU C 25 16.86 -8.36 47.03
CA LEU C 25 15.90 -9.06 46.16
C LEU C 25 14.45 -8.53 46.28
N ARG C 26 13.94 -8.31 47.49
CA ARG C 26 12.57 -7.87 47.65
C ARG C 26 12.41 -6.54 46.94
N ARG C 27 13.52 -5.80 46.85
CA ARG C 27 13.53 -4.47 46.23
C ARG C 27 13.40 -4.57 44.70
N GLN C 28 14.21 -5.43 44.10
CA GLN C 28 14.13 -5.69 42.66
C GLN C 28 12.74 -6.17 42.26
N VAL C 29 12.24 -7.20 42.94
CA VAL C 29 10.92 -7.76 42.65
C VAL C 29 9.85 -6.68 42.69
N ASP C 30 10.02 -5.68 43.54
CA ASP C 30 9.03 -4.61 43.62
C ASP C 30 9.18 -3.61 42.50
N GLN C 31 10.41 -3.28 42.13
CA GLN C 31 10.68 -2.44 40.96
C GLN C 31 10.06 -3.06 39.71
N LEU C 32 10.62 -4.21 39.31
CA LEU C 32 10.05 -5.01 38.23
C LEU C 32 8.52 -5.14 38.26
N THR C 33 7.94 -5.20 39.45
CA THR C 33 6.52 -5.51 39.53
C THR C 33 5.71 -4.30 39.14
N ASN C 34 6.22 -3.12 39.47
CA ASN C 34 5.58 -1.86 39.13
C ASN C 34 5.84 -1.47 37.68
N ASP C 35 6.95 -1.97 37.14
CA ASP C 35 7.31 -1.72 35.76
C ASP C 35 6.48 -2.61 34.83
N LYS C 36 6.50 -3.92 35.05
CA LYS C 36 5.62 -4.81 34.31
C LYS C 36 4.15 -4.28 34.34
N ALA C 37 3.78 -3.62 35.43
CA ALA C 37 2.43 -3.07 35.56
C ALA C 37 2.30 -1.88 34.61
N ARG C 38 3.25 -0.95 34.72
CA ARG C 38 3.30 0.25 33.89
C ARG C 38 3.30 -0.07 32.37
N VAL C 39 4.13 -1.00 31.95
CA VAL C 39 4.21 -1.38 30.54
C VAL C 39 2.95 -2.12 30.06
N GLU C 40 2.34 -2.94 30.93
CA GLU C 40 1.08 -3.57 30.57
C GLU C 40 0.02 -2.51 30.26
N VAL C 41 0.03 -1.41 31.02
CA VAL C 41 -0.95 -0.36 30.80
C VAL C 41 -0.74 0.33 29.45
N GLU C 42 0.52 0.66 29.13
CA GLU C 42 0.87 1.22 27.83
C GLU C 42 0.47 0.32 26.65
N ARG C 43 0.64 -0.98 26.80
CA ARG C 43 0.30 -1.91 25.72
C ARG C 43 -1.20 -1.95 25.57
N ASP C 44 -1.90 -2.04 26.70
CA ASP C 44 -3.36 -2.10 26.70
C ASP C 44 -3.89 -0.86 25.98
N ASN C 45 -3.23 0.27 26.18
CA ASN C 45 -3.61 1.50 25.51
C ASN C 45 -3.37 1.47 24.01
N LEU C 46 -2.14 1.19 23.58
CA LEU C 46 -1.87 1.16 22.16
C LEU C 46 -2.74 0.12 21.46
N ALA C 47 -3.05 -0.98 22.14
CA ALA C 47 -3.90 -1.99 21.54
C ALA C 47 -5.30 -1.44 21.20
N GLU C 48 -5.77 -0.42 21.94
CA GLU C 48 -7.05 0.19 21.65
C GLU C 48 -6.92 1.08 20.39
N ASP C 49 -6.00 2.03 20.46
CA ASP C 49 -5.63 2.87 19.31
C ASP C 49 -5.50 2.06 18.01
N ILE C 50 -4.83 0.93 18.08
CA ILE C 50 -4.62 0.11 16.89
C ILE C 50 -5.96 -0.48 16.36
N ARG C 52 -9.15 1.06 16.84
CA ARG C 52 -9.83 2.21 16.30
C ARG C 52 -9.27 2.56 14.94
N LEU C 53 -7.96 2.42 14.78
CA LEU C 53 -7.30 2.79 13.55
C LEU C 53 -7.57 1.80 12.44
N ARG C 54 -7.28 0.54 12.68
CA ARG C 54 -7.50 -0.46 11.64
C ARG C 54 -8.93 -0.37 11.08
N GLU C 55 -9.89 0.03 11.92
CA GLU C 55 -11.27 0.19 11.46
C GLU C 55 -11.45 1.43 10.55
N LYS C 56 -11.15 2.60 11.11
CA LYS C 56 -11.09 3.84 10.34
C LYS C 56 -10.35 3.68 8.99
N LEU C 57 -9.49 2.66 8.87
CA LEU C 57 -8.71 2.46 7.65
C LEU C 57 -9.35 1.44 6.73
N GLN C 58 -9.88 0.36 7.31
CA GLN C 58 -10.68 -0.59 6.57
C GLN C 58 -11.83 0.19 5.92
N GLU C 59 -12.34 1.17 6.65
CA GLU C 59 -13.34 2.12 6.16
C GLU C 59 -12.82 2.87 4.92
N GLU C 60 -11.79 3.68 5.09
CA GLU C 60 -11.24 4.51 4.00
C GLU C 60 -10.89 3.72 2.75
N LEU C 62 -12.45 1.08 1.61
CA LEU C 62 -13.70 0.84 0.90
C LEU C 62 -14.21 2.11 0.19
N GLN C 63 -14.11 3.25 0.84
CA GLN C 63 -14.43 4.51 0.20
C GLN C 63 -13.49 4.74 -0.99
N ARG C 64 -12.16 4.73 -0.75
CA ARG C 64 -11.23 5.04 -1.84
C ARG C 64 -11.48 4.13 -3.03
N GLU C 65 -11.72 2.86 -2.73
CA GLU C 65 -11.84 1.85 -3.76
C GLU C 65 -13.11 2.08 -4.57
N GLU C 66 -14.24 2.25 -3.89
CA GLU C 66 -15.52 2.53 -4.56
C GLU C 66 -15.39 3.77 -5.45
N ALA C 67 -14.93 4.87 -4.86
CA ALA C 67 -14.58 6.08 -5.59
C ALA C 67 -13.80 5.82 -6.87
N GLU C 68 -12.77 4.98 -6.84
CA GLU C 68 -11.97 4.78 -8.04
C GLU C 68 -12.67 3.90 -9.06
N ASN C 69 -13.61 3.08 -8.60
CA ASN C 69 -14.34 2.18 -9.46
C ASN C 69 -15.35 2.92 -10.33
N THR C 70 -16.12 3.78 -9.67
CA THR C 70 -17.07 4.67 -10.31
C THR C 70 -16.36 5.48 -11.38
N LEU C 71 -15.25 6.08 -10.98
CA LEU C 71 -14.40 6.86 -11.86
C LEU C 71 -13.86 6.05 -13.04
N GLN C 72 -14.02 4.73 -12.98
CA GLN C 72 -13.44 3.87 -14.01
C GLN C 72 -14.39 3.73 -15.20
N SER C 73 -15.68 3.54 -14.90
CA SER C 73 -16.65 3.33 -15.95
C SER C 73 -17.22 4.68 -16.35
N PHE C 74 -16.91 5.70 -15.55
CA PHE C 74 -17.37 7.03 -15.92
C PHE C 74 -16.48 7.66 -16.97
N ARG C 75 -15.22 7.24 -17.03
CA ARG C 75 -14.35 7.77 -18.06
C ARG C 75 -14.95 7.42 -19.43
N GLN C 76 -15.57 6.25 -19.49
CA GLN C 76 -16.23 5.77 -20.70
C GLN C 76 -17.32 6.75 -21.11
N ASP C 77 -18.18 7.09 -20.15
CA ASP C 77 -19.28 8.03 -20.38
C ASP C 77 -18.81 9.37 -20.88
N VAL C 78 -17.80 9.95 -20.23
CA VAL C 78 -17.25 11.20 -20.70
C VAL C 78 -16.74 11.07 -22.13
N ASP C 79 -16.06 9.98 -22.46
CA ASP C 79 -15.52 9.81 -23.82
C ASP C 79 -16.65 9.79 -24.85
N ASN C 80 -17.65 8.98 -24.52
CA ASN C 80 -18.86 8.87 -25.34
C ASN C 80 -19.66 10.16 -25.53
N ALA C 81 -19.82 10.94 -24.47
CA ALA C 81 -20.45 12.25 -24.57
C ALA C 81 -19.61 13.19 -25.44
N SER C 82 -18.31 13.15 -25.26
CA SER C 82 -17.40 13.98 -26.06
C SER C 82 -17.52 13.66 -27.56
N LEU C 83 -17.62 12.39 -27.90
CA LEU C 83 -17.69 11.98 -29.30
C LEU C 83 -19.04 12.30 -29.90
N ALA C 84 -20.11 12.09 -29.13
CA ALA C 84 -21.46 12.42 -29.56
C ALA C 84 -21.53 13.90 -29.92
N ARG C 85 -20.83 14.74 -29.16
CA ARG C 85 -20.80 16.16 -29.45
C ARG C 85 -19.93 16.48 -30.66
N LEU C 86 -18.88 15.71 -30.89
CA LEU C 86 -18.06 15.88 -32.09
C LEU C 86 -18.79 15.39 -33.33
N ASP C 87 -19.51 14.28 -33.18
CA ASP C 87 -20.22 13.67 -34.31
C ASP C 87 -21.25 14.63 -34.86
N LEU C 88 -21.70 15.53 -34.00
CA LEU C 88 -22.63 16.60 -34.38
C LEU C 88 -21.88 17.82 -34.94
N GLU C 89 -20.80 18.21 -34.28
CA GLU C 89 -20.02 19.34 -34.76
C GLU C 89 -19.56 19.09 -36.20
N ARG C 90 -19.59 17.82 -36.59
CA ARG C 90 -19.21 17.44 -37.94
C ARG C 90 -20.47 17.38 -38.84
N LYS C 91 -21.52 16.75 -38.35
CA LYS C 91 -22.76 16.71 -39.08
C LYS C 91 -23.14 18.15 -39.52
N VAL C 92 -23.03 19.10 -38.58
CA VAL C 92 -23.25 20.51 -38.83
C VAL C 92 -22.27 21.07 -39.88
N GLU C 93 -20.97 20.97 -39.65
CA GLU C 93 -19.99 21.45 -40.63
C GLU C 93 -20.32 20.90 -42.03
N SER C 94 -20.93 19.71 -42.05
CA SER C 94 -21.16 19.03 -43.31
C SER C 94 -22.32 19.67 -44.04
N LEU C 95 -23.39 19.96 -43.30
CA LEU C 95 -24.56 20.71 -43.82
C LEU C 95 -24.11 22.05 -44.38
N GLN C 96 -23.17 22.69 -43.68
CA GLN C 96 -22.68 23.99 -44.10
C GLN C 96 -21.91 23.99 -45.44
N GLU C 97 -21.21 22.90 -45.74
CA GLU C 97 -20.41 22.79 -46.96
C GLU C 97 -21.32 22.46 -48.12
N GLU C 98 -22.49 21.97 -47.77
CA GLU C 98 -23.51 21.56 -48.74
C GLU C 98 -24.34 22.76 -49.16
N ILE C 99 -24.71 23.56 -48.17
CA ILE C 99 -25.34 24.85 -48.37
C ILE C 99 -24.42 25.83 -49.10
N ALA C 100 -23.13 25.80 -48.75
CA ALA C 100 -22.15 26.65 -49.42
C ALA C 100 -22.01 26.26 -50.88
N PHE C 101 -22.27 24.98 -51.18
CA PHE C 101 -22.19 24.48 -52.54
C PHE C 101 -23.48 24.75 -53.29
N LEU C 102 -24.62 24.45 -52.67
CA LEU C 102 -25.90 24.74 -53.27
C LEU C 102 -25.87 26.13 -53.89
N LYS C 103 -25.46 27.11 -53.08
CA LYS C 103 -25.46 28.49 -53.52
C LYS C 103 -24.54 28.73 -54.71
N LYS C 104 -23.34 28.18 -54.67
CA LYS C 104 -22.44 28.24 -55.81
C LYS C 104 -23.11 27.68 -57.07
N LEU C 105 -23.98 26.71 -56.85
CA LEU C 105 -24.65 25.98 -57.91
C LEU C 105 -25.94 26.68 -58.31
N HIS C 106 -26.77 26.97 -57.32
CA HIS C 106 -27.98 27.74 -57.56
C HIS C 106 -27.63 28.96 -58.37
N GLU C 107 -26.81 29.83 -57.79
CA GLU C 107 -26.33 31.04 -58.46
C GLU C 107 -25.88 30.82 -59.92
N GLU C 108 -25.13 29.74 -60.14
CA GLU C 108 -24.74 29.33 -61.51
C GLU C 108 -25.97 28.92 -62.35
N GLU C 109 -26.70 27.93 -61.86
CA GLU C 109 -27.87 27.35 -62.54
C GLU C 109 -28.87 28.41 -63.00
N ILE C 110 -28.61 29.66 -62.63
CA ILE C 110 -29.51 30.76 -62.96
C ILE C 110 -28.90 31.80 -63.90
N GLN C 111 -27.58 31.92 -63.87
CA GLN C 111 -26.87 32.70 -64.88
C GLN C 111 -27.06 32.02 -66.23
N GLU C 112 -27.24 30.70 -66.20
CA GLU C 112 -27.40 29.88 -67.40
C GLU C 112 -28.81 30.01 -67.93
N LEU C 113 -29.52 31.03 -67.42
CA LEU C 113 -30.84 31.42 -67.92
C LEU C 113 -30.95 32.94 -68.12
N GLN C 114 -29.80 33.59 -68.29
CA GLN C 114 -29.75 34.96 -68.78
C GLN C 114 -29.18 34.83 -70.18
N HIS D 5 28.63 -26.52 70.45
CA HIS D 5 28.03 -27.73 69.90
C HIS D 5 27.90 -27.64 68.38
N HIS D 6 27.50 -28.75 67.78
CA HIS D 6 27.23 -28.83 66.35
C HIS D 6 26.74 -27.47 65.86
N HIS D 7 27.68 -26.60 65.55
CA HIS D 7 27.38 -25.26 65.06
C HIS D 7 27.23 -25.32 63.53
N HIS D 8 27.83 -26.36 62.94
CA HIS D 8 27.67 -26.69 61.52
C HIS D 8 26.22 -27.07 61.23
N SER D 9 25.54 -27.62 62.23
CA SER D 9 24.11 -27.83 62.16
C SER D 9 23.44 -26.46 62.12
N HIS D 10 23.74 -25.61 63.10
CA HIS D 10 23.13 -24.29 63.17
C HIS D 10 23.37 -23.43 61.89
N SER D 12 23.88 -24.35 59.02
CA SER D 12 23.13 -24.98 57.96
C SER D 12 21.64 -24.88 58.28
N ARG D 13 21.29 -25.03 59.55
CA ARG D 13 19.89 -24.86 59.94
C ARG D 13 19.35 -23.44 59.65
N LEU D 14 20.21 -22.40 59.67
CA LEU D 14 19.66 -21.09 59.31
C LEU D 14 19.78 -20.89 57.83
N GLY D 15 20.73 -21.57 57.20
CA GLY D 15 20.76 -21.60 55.77
C GLY D 15 19.39 -22.00 55.26
N ASP D 16 18.80 -22.99 55.92
CA ASP D 16 17.52 -23.56 55.51
C ASP D 16 16.40 -22.59 55.84
N LEU D 17 16.69 -21.69 56.77
CA LEU D 17 15.74 -20.68 57.18
C LEU D 17 15.49 -19.66 56.03
N TYR D 18 16.40 -19.61 55.07
CA TYR D 18 16.37 -18.62 54.00
C TYR D 18 16.52 -19.27 52.63
N GLU D 19 17.24 -20.39 52.58
CA GLU D 19 17.52 -21.05 51.31
C GLU D 19 16.29 -21.11 50.43
N GLU D 20 15.13 -21.31 51.05
CA GLU D 20 13.88 -21.52 50.30
C GLU D 20 13.16 -20.21 49.92
N GLU D 21 13.05 -19.31 50.88
CA GLU D 21 12.46 -17.97 50.67
C GLU D 21 13.29 -17.16 49.66
N ARG D 23 15.47 -18.49 47.11
CA ARG D 23 15.39 -19.05 45.77
C ARG D 23 14.07 -18.68 45.08
N GLU D 24 13.04 -18.38 45.87
CA GLU D 24 11.72 -18.02 45.35
C GLU D 24 11.66 -16.54 44.96
N LEU D 25 12.54 -15.72 45.52
CA LEU D 25 12.63 -14.33 45.13
C LEU D 25 13.48 -14.21 43.88
N ARG D 26 14.64 -14.86 43.90
CA ARG D 26 15.58 -14.73 42.79
C ARG D 26 14.97 -15.37 41.56
N ARG D 27 13.85 -16.07 41.78
CA ARG D 27 13.08 -16.67 40.68
C ARG D 27 12.06 -15.67 40.09
N GLN D 28 11.30 -15.02 40.96
CA GLN D 28 10.44 -13.90 40.57
C GLN D 28 11.21 -12.86 39.75
N VAL D 29 12.39 -12.49 40.22
CA VAL D 29 13.21 -11.48 39.53
C VAL D 29 13.43 -11.90 38.07
N ASP D 30 13.76 -13.17 37.89
CA ASP D 30 13.97 -13.67 36.53
C ASP D 30 12.69 -13.69 35.69
N GLN D 31 11.61 -14.23 36.25
CA GLN D 31 10.29 -14.30 35.62
C GLN D 31 9.80 -12.90 35.20
N LEU D 32 9.67 -12.02 36.19
CA LEU D 32 9.28 -10.63 35.94
C LEU D 32 10.09 -10.02 34.80
N THR D 33 11.40 -10.22 34.85
CA THR D 33 12.29 -9.62 33.88
C THR D 33 11.89 -10.07 32.47
N ASN D 34 11.62 -11.37 32.34
CA ASN D 34 11.24 -11.99 31.07
C ASN D 34 9.85 -11.52 30.70
N ASP D 35 8.95 -11.61 31.67
CA ASP D 35 7.57 -11.24 31.49
C ASP D 35 7.52 -9.82 30.94
N LYS D 36 8.23 -8.92 31.61
CA LYS D 36 8.28 -7.51 31.21
C LYS D 36 8.98 -7.26 29.88
N ALA D 37 10.03 -8.01 29.59
CA ALA D 37 10.72 -7.83 28.33
C ALA D 37 9.80 -8.12 27.13
N ARG D 38 8.88 -9.04 27.33
CA ARG D 38 7.98 -9.50 26.28
C ARG D 38 6.82 -8.51 26.06
N VAL D 39 6.34 -7.92 27.14
CA VAL D 39 5.34 -6.88 27.08
C VAL D 39 5.92 -5.66 26.36
N GLU D 40 7.20 -5.40 26.54
CA GLU D 40 7.85 -4.28 25.86
C GLU D 40 8.01 -4.46 24.34
N VAL D 41 8.22 -5.70 23.88
CA VAL D 41 8.26 -5.96 22.46
C VAL D 41 6.89 -5.64 21.85
N GLU D 42 5.84 -6.23 22.42
CA GLU D 42 4.48 -6.02 21.95
C GLU D 42 4.18 -4.56 21.93
N ARG D 43 4.51 -3.87 23.02
CA ARG D 43 4.16 -2.47 23.12
C ARG D 43 4.90 -1.67 22.05
N ASP D 44 6.11 -2.09 21.75
CA ASP D 44 6.91 -1.40 20.76
C ASP D 44 6.32 -1.64 19.38
N ASN D 45 6.15 -2.91 19.02
CA ASN D 45 5.43 -3.29 17.83
C ASN D 45 4.15 -2.48 17.58
N LEU D 46 3.28 -2.40 18.59
CA LEU D 46 2.09 -1.59 18.50
C LEU D 46 2.41 -0.16 18.10
N ALA D 47 3.22 0.54 18.89
CA ALA D 47 3.64 1.88 18.52
C ALA D 47 4.05 1.94 17.05
N GLU D 48 4.88 0.99 16.64
CA GLU D 48 5.30 0.87 15.25
C GLU D 48 4.13 0.67 14.27
N ASP D 49 3.33 -0.38 14.47
CA ASP D 49 2.15 -0.60 13.63
C ASP D 49 1.23 0.61 13.54
N ILE D 50 0.88 1.19 14.68
CA ILE D 50 0.06 2.38 14.70
C ILE D 50 0.61 3.43 13.73
N ARG D 52 2.74 3.17 11.20
CA ARG D 52 2.62 2.71 9.81
C ARG D 52 1.17 2.79 9.30
N LEU D 53 0.20 2.43 10.13
CA LEU D 53 -1.20 2.56 9.77
C LEU D 53 -1.59 4.00 9.49
N ARG D 54 -1.20 4.92 10.37
CA ARG D 54 -1.54 6.33 10.18
C ARG D 54 -1.06 6.85 8.81
N GLU D 55 0.18 6.52 8.44
CA GLU D 55 0.72 6.94 7.15
C GLU D 55 -0.12 6.35 6.03
N LYS D 56 -0.54 5.09 6.18
CA LYS D 56 -1.40 4.45 5.21
C LYS D 56 -2.74 5.17 5.13
N LEU D 57 -3.25 5.63 6.26
CA LEU D 57 -4.56 6.32 6.30
C LEU D 57 -4.48 7.58 5.43
N GLN D 58 -3.54 8.47 5.73
CA GLN D 58 -3.38 9.66 4.92
C GLN D 58 -3.37 9.33 3.43
N GLU D 59 -2.63 8.28 3.06
CA GLU D 59 -2.47 7.90 1.65
C GLU D 59 -3.78 7.46 0.99
N GLU D 60 -4.66 6.82 1.76
CA GLU D 60 -5.98 6.42 1.23
C GLU D 60 -6.90 7.64 1.08
N LEU D 62 -6.07 10.78 0.71
CA LEU D 62 -5.50 11.42 -0.47
C LEU D 62 -6.00 10.82 -1.80
N GLN D 63 -5.66 9.56 -2.05
CA GLN D 63 -6.08 8.85 -3.25
C GLN D 63 -7.60 9.02 -3.51
N ARG D 64 -8.38 8.94 -2.43
CA ARG D 64 -9.83 8.92 -2.56
C ARG D 64 -10.38 10.31 -2.89
N GLU D 65 -9.86 11.33 -2.22
CA GLU D 65 -10.21 12.70 -2.50
C GLU D 65 -9.80 13.05 -3.93
N GLU D 66 -8.71 12.45 -4.41
CA GLU D 66 -8.29 12.68 -5.79
C GLU D 66 -9.28 12.07 -6.79
N ALA D 67 -9.83 10.91 -6.43
CA ALA D 67 -10.79 10.21 -7.28
C ALA D 67 -12.15 10.92 -7.32
N GLU D 68 -12.50 11.57 -6.22
CA GLU D 68 -13.79 12.23 -6.13
C GLU D 68 -13.73 13.57 -6.82
N ASN D 69 -12.60 14.26 -6.66
CA ASN D 69 -12.36 15.53 -7.35
C ASN D 69 -12.37 15.32 -8.87
N THR D 70 -11.62 14.32 -9.31
CA THR D 70 -11.53 13.99 -10.72
C THR D 70 -12.90 13.64 -11.30
N LEU D 71 -13.69 12.91 -10.53
CA LEU D 71 -15.00 12.43 -10.98
C LEU D 71 -16.04 13.55 -11.00
N GLN D 72 -15.84 14.55 -10.15
CA GLN D 72 -16.74 15.70 -10.10
C GLN D 72 -16.49 16.57 -11.31
N SER D 73 -15.22 16.70 -11.68
CA SER D 73 -14.86 17.39 -12.91
C SER D 73 -15.49 16.69 -14.12
N PHE D 74 -15.38 15.37 -14.19
CA PHE D 74 -16.00 14.62 -15.29
C PHE D 74 -17.52 14.76 -15.33
N ARG D 75 -18.15 14.92 -14.17
CA ARG D 75 -19.60 15.10 -14.14
C ARG D 75 -19.96 16.38 -14.87
N GLN D 76 -19.29 17.45 -14.49
CA GLN D 76 -19.40 18.73 -15.16
C GLN D 76 -19.20 18.57 -16.67
N ASP D 77 -18.11 17.91 -17.04
CA ASP D 77 -17.82 17.64 -18.45
C ASP D 77 -19.03 17.06 -19.18
N VAL D 78 -19.54 15.93 -18.68
CA VAL D 78 -20.71 15.27 -19.27
C VAL D 78 -21.96 16.21 -19.35
N ASP D 79 -22.18 17.00 -18.31
CA ASP D 79 -23.30 17.94 -18.26
C ASP D 79 -23.15 19.09 -19.27
N ASN D 80 -21.91 19.45 -19.55
CA ASN D 80 -21.63 20.48 -20.55
C ASN D 80 -21.72 19.97 -21.98
N ALA D 81 -21.57 18.65 -22.15
CA ALA D 81 -21.72 18.02 -23.45
C ALA D 81 -23.22 17.90 -23.78
N SER D 82 -24.03 17.56 -22.79
CA SER D 82 -25.47 17.42 -23.00
C SER D 82 -26.08 18.70 -23.52
N LEU D 83 -25.89 19.78 -22.78
CA LEU D 83 -26.42 21.07 -23.19
C LEU D 83 -25.90 21.44 -24.56
N ALA D 84 -24.69 21.01 -24.90
CA ALA D 84 -24.10 21.34 -26.19
C ALA D 84 -24.60 20.41 -27.29
N ARG D 85 -25.03 19.21 -26.91
CA ARG D 85 -25.58 18.27 -27.86
C ARG D 85 -27.00 18.68 -28.31
N LEU D 86 -27.85 19.03 -27.34
CA LEU D 86 -29.20 19.50 -27.62
C LEU D 86 -29.17 20.69 -28.58
N ASP D 87 -28.31 21.66 -28.24
CA ASP D 87 -28.02 22.78 -29.13
C ASP D 87 -27.73 22.28 -30.54
N LEU D 88 -26.67 21.49 -30.71
CA LEU D 88 -26.29 21.04 -32.04
C LEU D 88 -27.42 20.30 -32.77
N GLU D 89 -28.21 19.55 -32.02
CA GLU D 89 -29.30 18.79 -32.62
C GLU D 89 -30.33 19.70 -33.24
N ARG D 90 -30.57 20.85 -32.58
CA ARG D 90 -31.45 21.91 -33.11
C ARG D 90 -30.85 22.57 -34.35
N LYS D 91 -29.57 22.95 -34.27
CA LYS D 91 -28.88 23.58 -35.39
C LYS D 91 -28.74 22.64 -36.58
N VAL D 92 -28.81 21.33 -36.34
CA VAL D 92 -28.86 20.38 -37.45
C VAL D 92 -30.24 20.37 -38.11
N GLU D 93 -31.29 20.46 -37.30
CA GLU D 93 -32.66 20.55 -37.79
C GLU D 93 -32.79 21.82 -38.62
N SER D 94 -32.45 22.96 -38.02
CA SER D 94 -32.60 24.25 -38.70
C SER D 94 -31.88 24.27 -40.05
N LEU D 95 -30.69 23.66 -40.10
CA LEU D 95 -29.90 23.62 -41.32
C LEU D 95 -30.50 22.69 -42.37
N GLN D 96 -31.21 21.67 -41.91
CA GLN D 96 -31.85 20.74 -42.84
C GLN D 96 -33.09 21.37 -43.46
N GLU D 97 -33.76 22.22 -42.69
CA GLU D 97 -34.92 22.97 -43.18
C GLU D 97 -34.48 24.12 -44.10
N GLU D 98 -33.39 24.80 -43.72
CA GLU D 98 -32.86 25.90 -44.51
C GLU D 98 -32.43 25.43 -45.89
N ILE D 99 -32.00 24.17 -45.96
CA ILE D 99 -31.63 23.56 -47.23
C ILE D 99 -32.84 23.28 -48.12
N ALA D 100 -33.93 22.82 -47.51
CA ALA D 100 -35.13 22.45 -48.25
C ALA D 100 -35.78 23.72 -48.79
N PHE D 101 -35.85 24.72 -47.91
CA PHE D 101 -36.39 26.02 -48.26
C PHE D 101 -35.59 26.67 -49.38
N LEU D 102 -34.28 26.77 -49.16
CA LEU D 102 -33.37 27.25 -50.19
C LEU D 102 -33.69 26.63 -51.53
N LYS D 103 -33.86 25.31 -51.53
CA LYS D 103 -34.15 24.58 -52.76
C LYS D 103 -35.47 25.01 -53.39
N LYS D 104 -36.55 24.92 -52.63
CA LYS D 104 -37.88 25.31 -53.07
C LYS D 104 -37.88 26.70 -53.71
N LEU D 105 -37.30 27.67 -53.01
CA LEU D 105 -37.21 29.05 -53.49
C LEU D 105 -36.58 29.10 -54.88
N HIS D 106 -35.48 28.38 -55.03
CA HIS D 106 -34.74 28.33 -56.28
C HIS D 106 -35.52 27.66 -57.42
N GLU D 107 -36.24 26.59 -57.10
CA GLU D 107 -36.98 25.85 -58.10
C GLU D 107 -38.07 26.74 -58.65
N GLU D 108 -38.67 27.51 -57.75
CA GLU D 108 -39.69 28.47 -58.11
C GLU D 108 -39.09 29.60 -58.95
N GLU D 109 -37.87 30.00 -58.63
CA GLU D 109 -37.21 31.09 -59.34
C GLU D 109 -36.73 30.70 -60.76
N ILE D 110 -36.47 29.41 -60.98
CA ILE D 110 -36.14 28.95 -62.33
C ILE D 110 -37.42 28.63 -63.10
N GLN D 111 -38.52 28.47 -62.37
CA GLN D 111 -39.83 28.23 -62.97
C GLN D 111 -40.45 29.57 -63.37
N GLU D 112 -39.97 30.64 -62.74
CA GLU D 112 -40.36 31.99 -63.13
C GLU D 112 -39.64 32.40 -64.41
N LEU D 113 -38.54 31.73 -64.71
CA LEU D 113 -37.78 32.00 -65.93
C LEU D 113 -38.08 30.95 -67.00
N GLN D 114 -39.24 30.32 -66.89
CA GLN D 114 -39.69 29.35 -67.87
C GLN D 114 -40.68 30.01 -68.82
N ALA D 115 -41.45 30.96 -68.30
CA ALA D 115 -42.36 31.74 -69.13
C ALA D 115 -41.56 32.50 -70.19
N GLN D 116 -40.31 32.81 -69.86
CA GLN D 116 -39.38 33.40 -70.82
C GLN D 116 -38.97 32.36 -71.86
#